data_5V10
#
_entry.id   5V10
#
_cell.length_a   97.994
_cell.length_b   62.279
_cell.length_c   52.792
_cell.angle_alpha   90.00
_cell.angle_beta   112.52
_cell.angle_gamma   90.00
#
_symmetry.space_group_name_H-M   'C 1 2 1'
#
loop_
_entity.id
_entity.type
_entity.pdbx_description
1 polymer 'Uncharacterized protein'
2 non-polymer 'CHLORIDE ION'
3 water water
#
_entity_poly.entity_id   1
_entity_poly.type   'polypeptide(L)'
_entity_poly.pdbx_seq_one_letter_code
;SNAMRAQHGGKPFQQRFRVYYEDTDAGGIVYYVNYLKFMERARTERLRALGFAQSQLVGDNLLFVVHSAEARYHAPAKLD
DELLVSAEVEELNRASLKFRQQVRRASDSVLLCEGRFLVACVRADTLKPRAIPETLRAAFAGSPDSFSAGD
;
_entity_poly.pdbx_strand_id   A,B
#
loop_
_chem_comp.id
_chem_comp.type
_chem_comp.name
_chem_comp.formula
CL non-polymer 'CHLORIDE ION' 'Cl -1'
#
# COMPACT_ATOMS: atom_id res chain seq x y z
N ARG A 5 -7.31 -22.87 -8.25
CA ARG A 5 -6.60 -21.58 -8.00
C ARG A 5 -5.69 -21.67 -6.78
N ALA A 6 -6.29 -21.68 -5.58
CA ALA A 6 -5.63 -21.97 -4.27
C ALA A 6 -6.66 -21.99 -3.13
N GLN A 7 -6.75 -23.11 -2.41
CA GLN A 7 -7.88 -23.36 -1.51
C GLN A 7 -7.56 -23.02 -0.04
N HIS A 8 -8.51 -22.36 0.62
CA HIS A 8 -8.36 -21.84 1.99
C HIS A 8 -9.55 -22.27 2.89
N GLY A 9 -9.33 -22.32 4.20
CA GLY A 9 -10.36 -22.77 5.16
C GLY A 9 -9.80 -23.04 6.55
N GLY A 10 -10.31 -24.08 7.21
CA GLY A 10 -9.82 -24.54 8.53
C GLY A 10 -10.07 -23.57 9.67
N LYS A 11 -9.11 -23.49 10.59
CA LYS A 11 -9.04 -22.38 11.55
C LYS A 11 -8.25 -21.24 10.87
N PRO A 12 -8.94 -20.36 10.11
CA PRO A 12 -8.29 -19.45 9.17
C PRO A 12 -7.26 -18.53 9.87
N PHE A 13 -6.03 -18.58 9.38
CA PHE A 13 -4.87 -17.89 9.97
C PHE A 13 -5.17 -16.41 10.09
N GLN A 14 -5.02 -15.90 11.30
CA GLN A 14 -5.08 -14.47 11.55
C GLN A 14 -3.88 -14.08 12.44
N GLN A 15 -3.22 -12.98 12.11
CA GLN A 15 -2.23 -12.42 12.98
C GLN A 15 -2.77 -11.20 13.66
N ARG A 16 -2.50 -11.08 14.96
CA ARG A 16 -2.99 -10.01 15.82
C ARG A 16 -1.95 -8.91 16.02
N PHE A 17 -2.34 -7.65 15.90
CA PHE A 17 -1.41 -6.52 16.09
C PHE A 17 -2.12 -5.47 16.93
N ARG A 18 -1.33 -4.66 17.62
CA ARG A 18 -1.80 -3.47 18.35
C ARG A 18 -1.44 -2.23 17.51
N VAL A 19 -2.35 -1.26 17.47
CA VAL A 19 -2.14 0.07 16.92
C VAL A 19 -1.47 1.03 17.94
N TYR A 20 -0.30 1.53 17.60
CA TYR A 20 0.44 2.50 18.46
C TYR A 20 0.45 3.86 17.80
N TYR A 21 0.87 4.91 18.52
CA TYR A 21 0.93 6.26 17.96
C TYR A 21 1.66 6.34 16.61
N GLU A 22 2.73 5.56 16.43
CA GLU A 22 3.51 5.56 15.21
C GLU A 22 2.68 5.24 13.96
N ASP A 23 1.57 4.51 14.15
CA ASP A 23 0.70 4.02 13.07
C ASP A 23 -0.37 5.04 12.66
N THR A 24 -0.59 6.06 13.49
CA THR A 24 -1.67 7.00 13.36
C THR A 24 -1.21 8.23 12.63
N ASP A 25 -2.18 8.98 12.17
CA ASP A 25 -2.03 10.27 11.54
C ASP A 25 -2.85 11.36 12.27
N ALA A 26 -2.79 12.57 11.71
CA ALA A 26 -3.46 13.75 12.24
C ALA A 26 -4.96 13.58 12.40
N GLY A 27 -5.57 12.76 11.54
CA GLY A 27 -6.98 12.41 11.65
C GLY A 27 -7.41 11.63 12.89
N GLY A 28 -6.46 11.15 13.69
CA GLY A 28 -6.78 10.30 14.85
C GLY A 28 -7.02 8.84 14.53
N ILE A 29 -6.67 8.43 13.31
CA ILE A 29 -6.85 7.05 12.85
C ILE A 29 -5.55 6.53 12.21
N VAL A 30 -5.51 5.24 11.96
CA VAL A 30 -4.36 4.65 11.31
C VAL A 30 -4.12 5.30 9.96
N TYR A 31 -2.87 5.67 9.70
CA TYR A 31 -2.50 6.22 8.40
C TYR A 31 -2.66 5.13 7.33
N TYR A 32 -3.33 5.46 6.24
CA TYR A 32 -3.81 4.44 5.33
C TYR A 32 -2.67 3.57 4.76
N VAL A 33 -1.53 4.20 4.48
CA VAL A 33 -0.37 3.49 4.00
C VAL A 33 0.05 2.35 4.97
N ASN A 34 -0.14 2.56 6.29
CA ASN A 34 0.35 1.62 7.29
C ASN A 34 -0.39 0.27 7.26
N TYR A 35 -1.60 0.23 6.70
CA TYR A 35 -2.26 -1.07 6.61
C TYR A 35 -1.48 -2.05 5.77
N LEU A 36 -0.74 -1.52 4.79
CA LEU A 36 0.09 -2.39 3.92
C LEU A 36 1.24 -2.96 4.71
N LYS A 37 1.76 -2.20 5.68
CA LYS A 37 2.82 -2.75 6.59
C LYS A 37 2.28 -3.90 7.44
N PHE A 38 1.12 -3.69 8.02
CA PHE A 38 0.43 -4.76 8.79
C PHE A 38 0.19 -6.02 7.97
N MET A 39 -0.24 -5.84 6.73
CA MET A 39 -0.47 -6.97 5.81
C MET A 39 0.83 -7.65 5.44
N GLU A 40 1.90 -6.89 5.24
CA GLU A 40 3.17 -7.50 5.02
C GLU A 40 3.64 -8.35 6.24
N ARG A 41 3.49 -7.81 7.45
CA ARG A 41 3.87 -8.53 8.65
C ARG A 41 3.09 -9.85 8.77
N ALA A 42 1.82 -9.84 8.34
CA ALA A 42 1.01 -11.03 8.42
C ALA A 42 1.46 -12.16 7.45
N ARG A 43 1.89 -11.76 6.27
CA ARG A 43 2.39 -12.71 5.29
C ARG A 43 3.68 -13.35 5.89
N THR A 44 4.53 -12.58 6.55
CA THR A 44 5.78 -13.09 7.15
C THR A 44 5.39 -14.05 8.26
N GLU A 45 4.38 -13.72 9.04
CA GLU A 45 3.99 -14.62 10.09
C GLU A 45 3.29 -15.89 9.59
N ARG A 46 2.59 -15.82 8.47
CA ARG A 46 1.95 -17.00 7.88
C ARG A 46 3.05 -17.91 7.37
N LEU A 47 4.02 -17.34 6.64
CA LEU A 47 5.17 -18.12 6.21
C LEU A 47 5.92 -18.82 7.35
N ARG A 48 6.15 -18.09 8.45
CA ARG A 48 6.79 -18.67 9.62
C ARG A 48 6.03 -19.92 10.08
N ALA A 49 4.72 -19.78 10.24
CA ALA A 49 3.88 -20.85 10.74
C ALA A 49 3.82 -22.08 9.80
N LEU A 50 4.08 -21.89 8.53
CA LEU A 50 4.09 -22.98 7.54
C LEU A 50 5.49 -23.54 7.38
N GLY A 51 6.46 -23.04 8.15
CA GLY A 51 7.82 -23.59 8.16
C GLY A 51 8.84 -22.78 7.39
N PHE A 52 8.55 -21.49 7.15
CA PHE A 52 9.37 -20.64 6.31
C PHE A 52 9.66 -19.29 7.00
N ALA A 53 10.34 -19.41 8.14
CA ALA A 53 10.92 -18.26 8.85
C ALA A 53 12.01 -17.70 8.00
N GLN A 54 12.56 -16.54 8.38
CA GLN A 54 13.52 -15.85 7.50
C GLN A 54 14.81 -16.68 7.29
N SER A 55 15.31 -17.33 8.33
CA SER A 55 16.52 -18.19 8.17
C SER A 55 16.28 -19.37 7.17
N GLN A 56 15.08 -19.93 7.14
CA GLN A 56 14.73 -20.94 6.13
C GLN A 56 14.71 -20.42 4.70
N LEU A 57 14.20 -19.21 4.52
CA LEU A 57 14.10 -18.59 3.21
C LEU A 57 15.46 -18.27 2.59
N VAL A 58 16.33 -17.68 3.39
CA VAL A 58 17.69 -17.37 2.94
C VAL A 58 18.51 -18.67 2.80
N GLY A 59 18.20 -19.65 3.63
CA GLY A 59 18.71 -21.01 3.48
C GLY A 59 18.41 -21.63 2.13
N ASP A 60 17.17 -21.47 1.64
CA ASP A 60 16.77 -21.99 0.34
C ASP A 60 16.97 -21.03 -0.84
N ASN A 61 17.64 -19.88 -0.59
CA ASN A 61 17.85 -18.84 -1.60
C ASN A 61 16.53 -18.24 -2.16
N LEU A 62 15.50 -18.16 -1.31
CA LEU A 62 14.20 -17.59 -1.71
C LEU A 62 14.06 -16.18 -1.18
N LEU A 63 13.48 -15.33 -2.01
CA LEU A 63 13.06 -13.99 -1.64
C LEU A 63 11.70 -13.74 -2.29
N PHE A 64 10.77 -13.15 -1.54
CA PHE A 64 9.47 -12.72 -2.09
C PHE A 64 9.44 -11.23 -2.34
N VAL A 65 9.00 -10.82 -3.54
CA VAL A 65 9.04 -9.36 -3.97
C VAL A 65 7.66 -8.94 -4.39
N VAL A 66 7.22 -7.76 -3.91
CA VAL A 66 5.89 -7.31 -4.28
C VAL A 66 6.00 -6.71 -5.68
N HIS A 67 5.19 -7.17 -6.64
CA HIS A 67 5.09 -6.53 -7.94
C HIS A 67 3.85 -5.63 -8.05
N SER A 68 2.80 -5.92 -7.31
CA SER A 68 1.63 -5.03 -7.29
C SER A 68 0.96 -5.10 -5.93
N ALA A 69 0.32 -4.02 -5.56
CA ALA A 69 -0.36 -3.86 -4.27
C ALA A 69 -1.63 -3.01 -4.52
N GLU A 70 -2.77 -3.49 -4.02
CA GLU A 70 -4.06 -2.80 -4.10
C GLU A 70 -4.73 -2.84 -2.72
N ALA A 71 -5.19 -1.72 -2.22
CA ALA A 71 -5.91 -1.70 -0.97
C ALA A 71 -7.19 -0.93 -1.06
N ARG A 72 -8.21 -1.46 -0.42
CA ARG A 72 -9.49 -0.73 -0.32
C ARG A 72 -9.76 -0.53 1.14
N TYR A 73 -10.13 0.71 1.45
CA TYR A 73 -10.26 1.14 2.82
C TYR A 73 -11.73 1.27 3.16
N HIS A 74 -12.16 0.75 4.31
CA HIS A 74 -13.60 0.70 4.62
C HIS A 74 -14.08 1.46 5.83
N ALA A 75 -13.45 1.20 6.95
CA ALA A 75 -13.80 1.81 8.21
C ALA A 75 -12.45 2.08 8.89
N PRO A 76 -12.37 3.08 9.78
CA PRO A 76 -11.08 3.45 10.42
C PRO A 76 -10.76 2.69 11.71
N ALA A 77 -9.47 2.54 12.00
CA ALA A 77 -8.99 2.04 13.30
C ALA A 77 -8.31 3.13 14.04
N LYS A 78 -8.44 3.09 15.36
CA LYS A 78 -7.92 4.17 16.21
C LYS A 78 -6.75 3.68 17.04
N LEU A 79 -6.05 4.61 17.64
CA LEU A 79 -5.07 4.34 18.66
C LEU A 79 -5.52 3.26 19.64
N ASP A 80 -4.66 2.27 19.83
CA ASP A 80 -4.85 1.20 20.80
C ASP A 80 -5.87 0.12 20.40
N ASP A 81 -6.48 0.22 19.22
CA ASP A 81 -7.24 -0.91 18.67
C ASP A 81 -6.29 -2.08 18.43
N GLU A 82 -6.85 -3.26 18.52
CA GLU A 82 -6.18 -4.48 18.05
C GLU A 82 -6.70 -4.82 16.69
N LEU A 83 -5.84 -5.38 15.84
CA LEU A 83 -6.17 -5.72 14.47
C LEU A 83 -5.96 -7.22 14.26
N LEU A 84 -6.87 -7.87 13.55
CA LEU A 84 -6.65 -9.21 13.07
C LEU A 84 -6.44 -9.16 11.57
N VAL A 85 -5.37 -9.83 11.11
CA VAL A 85 -4.96 -9.76 9.72
C VAL A 85 -4.77 -11.15 9.14
N SER A 86 -5.51 -11.39 8.05
CA SER A 86 -5.47 -12.64 7.32
C SER A 86 -4.37 -12.53 6.25
N ALA A 87 -3.98 -13.69 5.76
CA ALA A 87 -2.98 -13.84 4.70
C ALA A 87 -3.29 -15.01 3.77
N GLU A 88 -4.41 -14.91 3.06
CA GLU A 88 -4.87 -16.02 2.18
C GLU A 88 -4.14 -16.00 0.83
N VAL A 89 -3.93 -17.19 0.26
CA VAL A 89 -3.41 -17.28 -1.07
C VAL A 89 -4.57 -17.56 -2.02
N GLU A 90 -4.86 -16.58 -2.86
CA GLU A 90 -6.00 -16.58 -3.80
C GLU A 90 -5.68 -17.30 -5.06
N GLU A 91 -4.44 -17.17 -5.53
CA GLU A 91 -3.95 -17.93 -6.70
C GLU A 91 -2.47 -18.23 -6.62
N LEU A 92 -2.07 -19.37 -7.15
CA LEU A 92 -0.70 -19.86 -6.99
C LEU A 92 -0.22 -20.13 -8.40
N ASN A 93 0.72 -19.34 -8.89
CA ASN A 93 1.31 -19.56 -10.22
C ASN A 93 2.66 -20.26 -10.02
N ARG A 94 3.36 -20.50 -11.12
CA ARG A 94 4.66 -21.19 -11.08
C ARG A 94 5.69 -20.41 -10.28
N ALA A 95 5.85 -19.14 -10.63
CA ALA A 95 6.90 -18.28 -10.04
C ALA A 95 6.35 -17.10 -9.25
N SER A 96 5.07 -17.15 -8.88
CA SER A 96 4.38 -16.07 -8.17
C SER A 96 3.06 -16.53 -7.54
N LEU A 97 2.50 -15.65 -6.74
CA LEU A 97 1.39 -15.96 -5.82
C LEU A 97 0.56 -14.65 -5.70
N LYS A 98 -0.74 -14.74 -5.55
CA LYS A 98 -1.55 -13.58 -5.30
C LYS A 98 -2.16 -13.76 -3.91
N PHE A 99 -1.95 -12.77 -3.04
CA PHE A 99 -2.48 -12.79 -1.67
C PHE A 99 -3.71 -11.94 -1.63
N ARG A 100 -4.68 -12.35 -0.81
CA ARG A 100 -5.87 -11.65 -0.55
C ARG A 100 -5.97 -11.52 0.94
N GLN A 101 -6.06 -10.29 1.46
CA GLN A 101 -5.83 -10.08 2.90
C GLN A 101 -6.93 -9.20 3.42
N GLN A 102 -7.35 -9.44 4.64
CA GLN A 102 -8.31 -8.59 5.33
C GLN A 102 -7.75 -8.16 6.66
N VAL A 103 -7.87 -6.88 6.94
CA VAL A 103 -7.57 -6.29 8.24
C VAL A 103 -8.93 -5.97 8.97
N ARG A 104 -9.18 -6.66 10.08
CA ARG A 104 -10.39 -6.47 10.88
C ARG A 104 -10.06 -6.00 12.30
N ARG A 105 -10.91 -5.14 12.83
CA ARG A 105 -10.82 -4.71 14.22
C ARG A 105 -11.15 -5.90 15.12
N ALA A 106 -10.32 -6.13 16.15
CA ALA A 106 -10.42 -7.32 16.98
C ALA A 106 -11.68 -7.27 17.84
N SER A 107 -12.05 -6.09 18.32
CA SER A 107 -13.15 -5.99 19.28
C SER A 107 -14.50 -6.47 18.67
N ASP A 108 -14.78 -6.07 17.42
CA ASP A 108 -16.10 -6.31 16.75
C ASP A 108 -16.06 -6.90 15.33
N SER A 109 -14.86 -7.19 14.81
CA SER A 109 -14.65 -7.88 13.52
C SER A 109 -14.99 -7.06 12.30
N VAL A 110 -15.21 -5.76 12.47
CA VAL A 110 -15.54 -4.91 11.35
C VAL A 110 -14.30 -4.81 10.43
N LEU A 111 -14.56 -4.90 9.13
CA LEU A 111 -13.55 -4.89 8.11
C LEU A 111 -13.01 -3.49 7.95
N LEU A 112 -11.71 -3.33 8.09
CA LEU A 112 -11.10 -2.00 7.97
C LEU A 112 -10.46 -1.80 6.63
N CYS A 113 -9.81 -2.84 6.10
CA CYS A 113 -9.01 -2.75 4.88
C CYS A 113 -8.98 -4.13 4.18
N GLU A 114 -9.11 -4.12 2.90
CA GLU A 114 -8.85 -5.31 2.11
C GLU A 114 -7.74 -5.04 1.12
N GLY A 115 -6.81 -5.96 1.05
CA GLY A 115 -5.65 -5.82 0.17
C GLY A 115 -5.42 -7.03 -0.71
N ARG A 116 -4.87 -6.77 -1.87
CA ARG A 116 -4.49 -7.78 -2.83
C ARG A 116 -3.08 -7.49 -3.28
N PHE A 117 -2.24 -8.50 -3.29
CA PHE A 117 -0.85 -8.39 -3.66
C PHE A 117 -0.42 -9.50 -4.61
N LEU A 118 0.24 -9.10 -5.69
CA LEU A 118 0.91 -10.05 -6.59
C LEU A 118 2.37 -10.08 -6.14
N VAL A 119 2.82 -11.28 -5.71
CA VAL A 119 4.10 -11.46 -5.06
C VAL A 119 4.96 -12.46 -5.87
N ALA A 120 6.14 -12.02 -6.31
CA ALA A 120 7.03 -12.85 -7.14
C ALA A 120 8.06 -13.59 -6.29
N CYS A 121 8.41 -14.81 -6.70
CA CYS A 121 9.42 -15.61 -6.00
C CYS A 121 10.70 -15.50 -6.84
N VAL A 122 11.79 -15.09 -6.19
CA VAL A 122 13.05 -14.86 -6.93
C VAL A 122 14.21 -15.45 -6.18
N ARG A 123 15.32 -15.60 -6.89
CA ARG A 123 16.56 -16.04 -6.27
C ARG A 123 17.02 -14.91 -5.37
N ALA A 124 17.37 -15.24 -4.12
CA ALA A 124 17.86 -14.25 -3.15
C ALA A 124 19.18 -13.61 -3.60
N ASP A 125 20.11 -14.41 -4.12
CA ASP A 125 21.39 -13.86 -4.68
C ASP A 125 21.16 -12.85 -5.80
N THR A 126 20.63 -13.35 -6.93
CA THR A 126 20.64 -12.62 -8.20
C THR A 126 19.32 -11.93 -8.54
N LEU A 127 18.29 -12.08 -7.69
CA LEU A 127 16.96 -11.52 -7.98
C LEU A 127 16.27 -12.02 -9.26
N LYS A 128 16.73 -13.14 -9.84
CA LYS A 128 16.06 -13.67 -11.05
C LYS A 128 14.86 -14.53 -10.64
N PRO A 129 13.79 -14.57 -11.49
CA PRO A 129 12.61 -15.39 -11.23
C PRO A 129 12.95 -16.85 -11.03
N ARG A 130 12.33 -17.49 -10.04
CA ARG A 130 12.39 -18.96 -9.87
C ARG A 130 11.02 -19.54 -9.51
N ALA A 131 10.87 -20.83 -9.69
CA ALA A 131 9.63 -21.55 -9.34
C ALA A 131 9.47 -21.56 -7.84
N ILE A 132 8.22 -21.50 -7.41
CA ILE A 132 7.92 -21.66 -5.99
C ILE A 132 8.25 -23.10 -5.65
N PRO A 133 8.94 -23.34 -4.51
CA PRO A 133 9.31 -24.71 -4.20
C PRO A 133 8.11 -25.57 -3.89
N GLU A 134 8.28 -26.88 -4.10
CA GLU A 134 7.24 -27.86 -3.94
C GLU A 134 6.61 -27.81 -2.56
N THR A 135 7.49 -27.83 -1.57
CA THR A 135 7.07 -27.83 -0.16
C THR A 135 6.32 -26.60 0.20
N LEU A 136 6.68 -25.47 -0.40
CA LEU A 136 5.97 -24.20 -0.15
C LEU A 136 4.58 -24.20 -0.76
N ARG A 137 4.49 -24.70 -2.01
CA ARG A 137 3.22 -24.79 -2.72
C ARG A 137 2.28 -25.68 -1.92
N ALA A 138 2.82 -26.77 -1.39
CA ALA A 138 2.05 -27.67 -0.54
C ALA A 138 1.57 -26.95 0.72
N ALA A 139 2.50 -26.30 1.41
CA ALA A 139 2.14 -25.59 2.68
C ALA A 139 0.90 -24.70 2.58
N PHE A 140 0.75 -24.01 1.46
CA PHE A 140 -0.39 -23.15 1.26
C PHE A 140 -1.83 -23.78 1.31
N ALA A 141 -1.94 -25.11 1.41
CA ALA A 141 -3.18 -25.71 1.95
C ALA A 141 -3.01 -26.79 3.05
N GLY A 142 -1.77 -27.23 3.31
CA GLY A 142 -1.49 -28.17 4.41
C GLY A 142 -0.11 -28.79 4.27
N SER A 143 0.70 -28.70 5.33
CA SER A 143 2.16 -28.94 5.28
C SER A 143 2.69 -29.97 6.29
N PRO A 144 2.67 -31.27 5.93
CA PRO A 144 3.63 -32.25 6.46
C PRO A 144 4.73 -32.54 5.41
N ASP A 145 4.83 -31.58 4.47
CA ASP A 145 5.89 -31.39 3.46
C ASP A 145 5.36 -31.34 2.00
N PRO B 12 2.72 16.39 -17.07
CA PRO B 12 2.64 17.83 -16.83
C PRO B 12 3.35 18.21 -15.51
N PHE B 13 2.59 18.59 -14.47
CA PHE B 13 3.06 18.82 -13.12
C PHE B 13 3.88 17.62 -12.62
N GLN B 14 5.09 17.91 -12.16
CA GLN B 14 5.89 16.90 -11.50
C GLN B 14 6.48 17.49 -10.23
N GLN B 15 6.49 16.71 -9.17
CA GLN B 15 7.17 17.11 -7.95
C GLN B 15 8.44 16.29 -7.78
N ARG B 16 9.52 16.95 -7.36
CA ARG B 16 10.85 16.34 -7.23
C ARG B 16 11.15 15.98 -5.79
N PHE B 17 11.65 14.78 -5.52
CA PHE B 17 11.96 14.36 -4.14
C PHE B 17 13.28 13.65 -4.09
N ARG B 18 13.96 13.71 -2.94
CA ARG B 18 15.19 12.98 -2.69
C ARG B 18 14.90 11.72 -1.87
N VAL B 19 15.53 10.60 -2.22
CA VAL B 19 15.52 9.35 -1.45
C VAL B 19 16.58 9.38 -0.33
N TYR B 20 16.15 9.24 0.92
CA TYR B 20 17.05 9.23 2.09
C TYR B 20 17.12 7.86 2.70
N TYR B 21 18.07 7.62 3.63
CA TYR B 21 18.19 6.35 4.33
C TYR B 21 16.89 5.78 4.87
N GLU B 22 16.06 6.64 5.44
CA GLU B 22 14.80 6.24 6.03
C GLU B 22 13.86 5.55 5.05
N ASP B 23 14.03 5.82 3.75
CA ASP B 23 13.17 5.30 2.69
C ASP B 23 13.57 3.90 2.18
N THR B 24 14.80 3.51 2.51
CA THR B 24 15.44 2.35 1.95
C THR B 24 15.27 1.18 2.88
N ASP B 25 15.44 -0.01 2.30
CA ASP B 25 15.31 -1.29 3.01
C ASP B 25 16.59 -2.15 2.87
N ALA B 26 16.55 -3.37 3.41
CA ALA B 26 17.70 -4.28 3.39
C ALA B 26 18.17 -4.61 2.00
N GLY B 27 17.26 -4.61 1.02
CA GLY B 27 17.61 -4.77 -0.39
C GLY B 27 18.50 -3.70 -1.02
N GLY B 28 18.72 -2.58 -0.33
CA GLY B 28 19.43 -1.43 -0.91
C GLY B 28 18.60 -0.56 -1.83
N ILE B 29 17.28 -0.70 -1.79
CA ILE B 29 16.37 0.06 -2.63
C ILE B 29 15.23 0.67 -1.78
N VAL B 30 14.44 1.54 -2.38
CA VAL B 30 13.32 2.11 -1.71
C VAL B 30 12.34 1.03 -1.32
N TYR B 31 11.90 1.09 -0.09
CA TYR B 31 10.87 0.12 0.40
C TYR B 31 9.55 0.38 -0.37
N TYR B 32 8.95 -0.67 -0.90
CA TYR B 32 7.89 -0.51 -1.87
C TYR B 32 6.69 0.29 -1.33
N VAL B 33 6.38 0.09 -0.04
CA VAL B 33 5.37 0.87 0.61
C VAL B 33 5.61 2.41 0.47
N ASN B 34 6.89 2.84 0.48
CA ASN B 34 7.23 4.23 0.55
C ASN B 34 6.86 4.98 -0.73
N TYR B 35 6.73 4.29 -1.86
CA TYR B 35 6.30 5.00 -3.08
C TYR B 35 4.92 5.62 -2.90
N LEU B 36 4.07 5.01 -2.07
CA LEU B 36 2.75 5.58 -1.84
C LEU B 36 2.85 6.90 -1.06
N LYS B 37 3.84 7.01 -0.16
CA LYS B 37 4.09 8.25 0.57
C LYS B 37 4.51 9.38 -0.40
N PHE B 38 5.43 9.05 -1.28
CA PHE B 38 5.90 10.00 -2.30
C PHE B 38 4.77 10.49 -3.21
N MET B 39 3.88 9.57 -3.61
CA MET B 39 2.72 9.90 -4.41
C MET B 39 1.75 10.78 -3.62
N GLU B 40 1.56 10.50 -2.35
CA GLU B 40 0.75 11.33 -1.52
C GLU B 40 1.29 12.78 -1.43
N ARG B 41 2.62 12.91 -1.26
CA ARG B 41 3.23 14.24 -1.18
C ARG B 41 2.95 15.03 -2.45
N ALA B 42 3.00 14.35 -3.59
CA ALA B 42 2.78 14.99 -4.88
C ALA B 42 1.34 15.52 -5.10
N ARG B 43 0.37 14.77 -4.59
CA ARG B 43 -1.01 15.19 -4.64
C ARG B 43 -1.20 16.48 -3.82
N THR B 44 -0.55 16.55 -2.65
CA THR B 44 -0.65 17.70 -1.76
C THR B 44 -0.01 18.86 -2.48
N GLU B 45 1.13 18.62 -3.13
CA GLU B 45 1.78 19.70 -3.81
C GLU B 45 1.05 20.18 -5.05
N ARG B 46 0.32 19.28 -5.73
CA ARG B 46 -0.47 19.68 -6.89
C ARG B 46 -1.60 20.58 -6.41
N LEU B 47 -2.30 20.13 -5.38
CA LEU B 47 -3.35 20.95 -4.77
C LEU B 47 -2.88 22.34 -4.32
N ARG B 48 -1.71 22.39 -3.66
CA ARG B 48 -1.13 23.65 -3.26
C ARG B 48 -0.98 24.57 -4.47
N ALA B 49 -0.42 24.06 -5.56
CA ALA B 49 -0.11 24.89 -6.71
C ALA B 49 -1.36 25.38 -7.41
N LEU B 50 -2.48 24.68 -7.27
CA LEU B 50 -3.74 25.15 -7.84
C LEU B 50 -4.58 25.96 -6.85
N GLY B 51 -3.99 26.27 -5.69
CA GLY B 51 -4.59 27.20 -4.73
C GLY B 51 -5.26 26.55 -3.54
N PHE B 52 -4.89 25.29 -3.24
CA PHE B 52 -5.53 24.50 -2.19
C PHE B 52 -4.51 23.86 -1.24
N ALA B 53 -3.81 24.75 -0.55
CA ALA B 53 -3.02 24.41 0.63
C ALA B 53 -3.95 23.90 1.73
N GLN B 54 -3.32 23.36 2.77
CA GLN B 54 -4.03 22.84 3.92
C GLN B 54 -4.89 23.88 4.64
N SER B 55 -4.42 25.11 4.79
CA SER B 55 -5.22 26.16 5.45
C SER B 55 -6.53 26.46 4.69
N GLN B 56 -6.51 26.41 3.36
CA GLN B 56 -7.72 26.53 2.54
C GLN B 56 -8.76 25.41 2.81
N LEU B 57 -8.26 24.18 2.94
CA LEU B 57 -9.09 23.00 3.12
C LEU B 57 -9.80 23.00 4.46
N VAL B 58 -9.05 23.28 5.52
CA VAL B 58 -9.62 23.34 6.87
C VAL B 58 -10.52 24.58 7.00
N GLY B 59 -10.17 25.65 6.29
CA GLY B 59 -11.03 26.81 6.12
C GLY B 59 -12.42 26.47 5.58
N ASP B 60 -12.47 25.63 4.54
CA ASP B 60 -13.74 25.22 3.93
C ASP B 60 -14.35 23.92 4.53
N ASN B 61 -13.81 23.45 5.67
CA ASN B 61 -14.30 22.20 6.31
C ASN B 61 -14.14 20.93 5.41
N LEU B 62 -13.06 20.91 4.63
CA LEU B 62 -12.74 19.79 3.73
C LEU B 62 -11.66 18.92 4.32
N LEU B 63 -11.83 17.63 4.14
CA LEU B 63 -10.78 16.66 4.37
C LEU B 63 -10.80 15.65 3.22
N PHE B 64 -9.63 15.29 2.72
CA PHE B 64 -9.50 14.23 1.68
C PHE B 64 -9.05 12.92 2.30
N VAL B 65 -9.75 11.83 1.98
CA VAL B 65 -9.45 10.48 2.57
C VAL B 65 -9.29 9.49 1.43
N VAL B 66 -8.28 8.65 1.49
CA VAL B 66 -8.06 7.65 0.46
C VAL B 66 -9.07 6.53 0.67
N HIS B 67 -9.85 6.22 -0.36
CA HIS B 67 -10.77 5.07 -0.29
C HIS B 67 -10.15 3.84 -0.97
N SER B 68 -9.30 4.04 -1.98
CA SER B 68 -8.60 2.92 -2.59
C SER B 68 -7.27 3.39 -3.16
N ALA B 69 -6.32 2.45 -3.15
CA ALA B 69 -4.92 2.70 -3.54
C ALA B 69 -4.39 1.48 -4.27
N GLU B 70 -3.75 1.70 -5.42
CA GLU B 70 -3.14 0.61 -6.24
C GLU B 70 -1.78 1.04 -6.69
N ALA B 71 -0.78 0.19 -6.54
CA ALA B 71 0.53 0.51 -7.07
C ALA B 71 1.09 -0.65 -7.83
N ARG B 72 1.65 -0.32 -8.99
CA ARG B 72 2.39 -1.31 -9.77
C ARG B 72 3.85 -0.93 -9.78
N TYR B 73 4.71 -1.89 -9.49
CA TYR B 73 6.11 -1.64 -9.31
C TYR B 73 6.90 -2.12 -10.50
N HIS B 74 7.83 -1.33 -11.01
CA HIS B 74 8.51 -1.68 -12.30
C HIS B 74 10.04 -1.83 -12.19
N ALA B 75 10.71 -0.85 -11.61
CA ALA B 75 12.16 -0.83 -11.55
C ALA B 75 12.51 -0.16 -10.21
N PRO B 76 13.69 -0.42 -9.63
CA PRO B 76 14.03 0.09 -8.28
C PRO B 76 14.70 1.47 -8.25
N ALA B 77 14.55 2.19 -7.14
CA ALA B 77 15.31 3.41 -6.87
C ALA B 77 16.20 3.18 -5.65
N LYS B 78 17.34 3.85 -5.62
CA LYS B 78 18.37 3.63 -4.61
C LYS B 78 18.60 4.86 -3.75
N LEU B 79 19.37 4.68 -2.68
CA LEU B 79 19.76 5.77 -1.81
C LEU B 79 20.27 6.97 -2.61
N ASP B 80 19.73 8.14 -2.31
CA ASP B 80 20.17 9.43 -2.87
C ASP B 80 19.70 9.70 -4.30
N ASP B 81 18.95 8.78 -4.91
CA ASP B 81 18.23 9.09 -6.17
C ASP B 81 17.24 10.24 -5.94
N GLU B 82 17.01 10.99 -7.02
CA GLU B 82 15.93 11.95 -7.06
C GLU B 82 14.79 11.33 -7.82
N LEU B 83 13.55 11.64 -7.41
CA LEU B 83 12.34 11.09 -8.01
C LEU B 83 11.48 12.22 -8.57
N LEU B 84 10.92 12.02 -9.77
CA LEU B 84 9.87 12.90 -10.28
C LEU B 84 8.52 12.21 -10.19
N VAL B 85 7.55 12.91 -9.60
CA VAL B 85 6.24 12.32 -9.31
C VAL B 85 5.12 13.19 -9.84
N SER B 86 4.29 12.56 -10.66
CA SER B 86 3.15 13.20 -11.29
C SER B 86 1.94 12.98 -10.43
N ALA B 87 0.93 13.80 -10.66
CA ALA B 87 -0.32 13.80 -9.93
C ALA B 87 -1.50 14.25 -10.80
N GLU B 88 -1.77 13.52 -11.84
CA GLU B 88 -2.89 13.79 -12.78
C GLU B 88 -4.27 13.45 -12.19
N VAL B 89 -5.28 14.26 -12.49
CA VAL B 89 -6.61 13.98 -12.02
C VAL B 89 -7.38 13.47 -13.23
N GLU B 90 -7.71 12.18 -13.20
CA GLU B 90 -8.32 11.44 -14.31
C GLU B 90 -9.82 11.64 -14.31
N GLU B 91 -10.42 11.75 -13.13
CA GLU B 91 -11.84 12.03 -13.00
C GLU B 91 -12.18 12.83 -11.77
N LEU B 92 -13.22 13.65 -11.90
CA LEU B 92 -13.74 14.41 -10.82
C LEU B 92 -15.21 14.00 -10.73
N ASN B 93 -15.58 13.35 -9.62
CA ASN B 93 -16.95 12.96 -9.35
C ASN B 93 -17.53 13.97 -8.36
N ARG B 94 -18.78 13.76 -7.94
CA ARG B 94 -19.46 14.70 -7.03
C ARG B 94 -18.73 14.83 -5.69
N ALA B 95 -18.47 13.69 -5.05
CA ALA B 95 -17.90 13.62 -3.72
C ALA B 95 -16.53 12.93 -3.67
N SER B 96 -15.85 12.83 -4.80
CA SER B 96 -14.56 12.13 -4.92
C SER B 96 -13.80 12.48 -6.23
N LEU B 97 -12.53 12.10 -6.25
CA LEU B 97 -11.59 12.41 -7.30
C LEU B 97 -10.68 11.17 -7.53
N LYS B 98 -10.28 10.90 -8.77
N LYS B 98 -10.35 10.87 -8.78
CA LYS B 98 -9.45 9.72 -9.04
CA LYS B 98 -9.43 9.76 -9.03
C LYS B 98 -8.17 10.20 -9.65
C LYS B 98 -8.16 10.34 -9.55
N PHE B 99 -7.03 9.84 -9.02
CA PHE B 99 -5.70 10.29 -9.44
C PHE B 99 -5.00 9.20 -10.13
N ARG B 100 -4.10 9.60 -11.03
CA ARG B 100 -3.20 8.69 -11.77
C ARG B 100 -1.84 9.20 -11.66
N GLN B 101 -0.89 8.40 -11.16
CA GLN B 101 0.45 8.97 -10.78
C GLN B 101 1.55 8.11 -11.29
N GLN B 102 2.69 8.70 -11.63
CA GLN B 102 3.85 7.97 -12.04
C GLN B 102 5.01 8.47 -11.18
N VAL B 103 5.83 7.54 -10.67
CA VAL B 103 7.14 7.86 -10.06
C VAL B 103 8.27 7.47 -11.03
N ARG B 104 9.05 8.46 -11.45
CA ARG B 104 10.19 8.25 -12.35
C ARG B 104 11.50 8.71 -11.72
N ARG B 105 12.58 8.00 -12.02
CA ARG B 105 13.90 8.42 -11.59
C ARG B 105 14.30 9.69 -12.37
N ALA B 106 14.80 10.70 -11.66
CA ALA B 106 15.01 12.03 -12.25
C ALA B 106 16.12 12.01 -13.27
N SER B 107 17.16 11.26 -12.99
CA SER B 107 18.36 11.25 -13.82
C SER B 107 18.06 10.79 -15.27
N ASP B 108 17.30 9.71 -15.44
CA ASP B 108 17.08 9.04 -16.75
C ASP B 108 15.61 8.75 -17.13
N SER B 109 14.66 9.18 -16.29
CA SER B 109 13.21 9.12 -16.57
C SER B 109 12.60 7.73 -16.57
N VAL B 110 13.35 6.72 -16.15
CA VAL B 110 12.85 5.38 -16.08
C VAL B 110 11.70 5.28 -15.06
N LEU B 111 10.64 4.59 -15.48
CA LEU B 111 9.40 4.47 -14.70
C LEU B 111 9.62 3.50 -13.58
N LEU B 112 9.39 3.93 -12.36
CA LEU B 112 9.67 3.08 -11.21
C LEU B 112 8.40 2.45 -10.65
N CYS B 113 7.31 3.24 -10.65
CA CYS B 113 6.08 2.89 -10.00
C CYS B 113 4.92 3.63 -10.67
N GLU B 114 3.79 3.01 -10.75
CA GLU B 114 2.61 3.70 -11.12
C GLU B 114 1.53 3.47 -10.09
N GLY B 115 0.76 4.49 -9.82
CA GLY B 115 -0.26 4.41 -8.78
C GLY B 115 -1.60 4.98 -9.22
N ARG B 116 -2.65 4.45 -8.65
CA ARG B 116 -4.01 4.93 -8.92
C ARG B 116 -4.72 5.06 -7.62
N PHE B 117 -5.39 6.18 -7.41
CA PHE B 117 -6.07 6.40 -6.12
C PHE B 117 -7.45 7.00 -6.31
N LEU B 118 -8.41 6.44 -5.59
CA LEU B 118 -9.72 7.08 -5.43
C LEU B 118 -9.67 7.79 -4.11
N VAL B 119 -9.89 9.12 -4.14
CA VAL B 119 -9.83 9.99 -2.94
C VAL B 119 -11.21 10.63 -2.69
N ALA B 120 -11.79 10.38 -1.51
CA ALA B 120 -13.10 10.91 -1.11
C ALA B 120 -12.97 12.28 -0.39
N CYS B 121 -13.97 13.14 -0.61
CA CYS B 121 -14.10 14.40 0.07
C CYS B 121 -15.10 14.25 1.21
N VAL B 122 -14.71 14.62 2.41
CA VAL B 122 -15.61 14.50 3.57
C VAL B 122 -15.59 15.78 4.40
N ARG B 123 -16.62 15.92 5.23
CA ARG B 123 -16.69 17.05 6.14
C ARG B 123 -15.60 16.85 7.17
N ALA B 124 -14.82 17.91 7.43
CA ALA B 124 -13.75 17.85 8.42
C ALA B 124 -14.32 17.62 9.85
N ASP B 125 -15.42 18.29 10.19
CA ASP B 125 -16.08 18.04 11.50
C ASP B 125 -16.52 16.58 11.69
N THR B 126 -17.48 16.15 10.88
CA THR B 126 -18.24 14.93 11.13
C THR B 126 -17.79 13.71 10.31
N LEU B 127 -16.79 13.90 9.45
CA LEU B 127 -16.29 12.83 8.56
C LEU B 127 -17.32 12.28 7.55
N LYS B 128 -18.46 12.94 7.36
CA LYS B 128 -19.46 12.41 6.44
C LYS B 128 -19.13 12.90 5.01
N PRO B 129 -19.50 12.09 3.99
CA PRO B 129 -19.30 12.47 2.59
C PRO B 129 -19.91 13.82 2.26
N ARG B 130 -19.18 14.64 1.50
CA ARG B 130 -19.71 15.90 0.98
C ARG B 130 -19.25 16.12 -0.47
N ALA B 131 -19.95 17.04 -1.16
CA ALA B 131 -19.60 17.43 -2.51
C ALA B 131 -18.26 18.16 -2.51
N ILE B 132 -17.53 17.98 -3.58
CA ILE B 132 -16.34 18.76 -3.82
C ILE B 132 -16.79 20.17 -4.09
N PRO B 133 -16.12 21.17 -3.51
CA PRO B 133 -16.52 22.55 -3.79
C PRO B 133 -16.35 22.94 -5.25
N GLU B 134 -17.19 23.89 -5.67
CA GLU B 134 -17.23 24.38 -7.04
C GLU B 134 -15.88 24.86 -7.48
N THR B 135 -15.27 25.71 -6.65
CA THR B 135 -13.97 26.28 -6.92
C THR B 135 -12.90 25.24 -7.18
N LEU B 136 -12.96 24.14 -6.42
CA LEU B 136 -12.00 23.05 -6.58
C LEU B 136 -12.19 22.30 -7.86
N ARG B 137 -13.47 22.00 -8.16
CA ARG B 137 -13.84 21.31 -9.39
C ARG B 137 -13.36 22.11 -10.58
N ALA B 138 -13.56 23.43 -10.52
CA ALA B 138 -13.10 24.34 -11.54
C ALA B 138 -11.58 24.28 -11.68
N ALA B 139 -10.87 24.41 -10.57
CA ALA B 139 -9.39 24.40 -10.62
C ALA B 139 -8.79 23.23 -11.44
N PHE B 140 -9.39 22.06 -11.37
CA PHE B 140 -9.11 21.01 -12.37
C PHE B 140 -9.82 21.35 -13.70
N ALA B 141 -11.12 21.05 -13.76
CA ALA B 141 -11.93 21.02 -15.00
C ALA B 141 -11.20 20.83 -16.33
CL CL C . 11.28 -21.97 9.52
CL CL D . 2.21 -5.22 1.81
CL CL E . -3.72 -3.32 -10.38
#